data_6XD8
#
_entry.id   6XD8
#
_cell.length_a   48.889
_cell.length_b   107.344
_cell.length_c   31.698
_cell.angle_alpha   90.000
_cell.angle_beta   90.000
_cell.angle_gamma   90.000
#
_symmetry.space_group_name_H-M   'P 21 21 2'
#
loop_
_entity.id
_entity.type
_entity.pdbx_description
1 polymer 'Foldase protein PrsA 1'
2 water water
#
_entity_poly.entity_id   1
_entity_poly.type   'polypeptide(L)'
_entity_poly.pdbx_seq_one_letter_code
;(MSE)KPEIKASHILVKDEATAKKVKEELGQGKSFEELAKQYSEDTGSKEKGGDLGFFGAGK(MSE)VKEFEDAAYKLKK
DEVSEPVKSQFGYHIIKVTDIENLYFQ
;
_entity_poly.pdbx_strand_id   A,B
#
# COMPACT_ATOMS: atom_id res chain seq x y z
N LYS A 2 7.66 11.06 17.85
CA LYS A 2 7.44 9.74 17.28
C LYS A 2 7.78 9.72 15.79
N PRO A 3 8.18 8.55 15.24
CA PRO A 3 8.44 8.44 13.81
C PRO A 3 7.12 8.63 13.04
N GLU A 4 7.20 9.19 11.83
CA GLU A 4 5.96 9.35 11.04
C GLU A 4 5.49 7.98 10.55
N ILE A 5 4.17 7.80 10.55
CA ILE A 5 3.53 6.59 10.00
C ILE A 5 2.51 7.06 8.96
N LYS A 6 2.11 6.14 8.08
CA LYS A 6 1.09 6.45 7.06
C LYS A 6 -0.10 5.54 7.39
N ALA A 7 -1.31 6.10 7.38
CA ALA A 7 -2.48 5.27 7.72
C ALA A 7 -3.68 5.67 6.86
N SER A 8 -4.59 4.72 6.74
CA SER A 8 -5.91 4.92 6.10
C SER A 8 -6.95 4.68 7.19
N HIS A 9 -8.15 5.24 7.01
CA HIS A 9 -9.21 4.92 7.98
C HIS A 9 -10.57 4.95 7.29
N ILE A 10 -11.53 4.33 7.95
CA ILE A 10 -12.96 4.34 7.57
C ILE A 10 -13.68 4.90 8.80
N LEU A 11 -14.30 6.06 8.66
CA LEU A 11 -15.00 6.73 9.79
C LEU A 11 -16.51 6.45 9.68
N VAL A 12 -17.09 5.84 10.72
CA VAL A 12 -18.55 5.52 10.72
C VAL A 12 -19.21 6.14 11.96
N LYS A 13 -20.54 6.14 11.99
CA LYS A 13 -21.29 6.85 13.07
C LYS A 13 -21.48 5.99 14.33
N ASP A 14 -21.32 4.66 14.27
CA ASP A 14 -21.58 3.81 15.47
C ASP A 14 -20.66 2.59 15.47
N GLU A 15 -20.50 1.94 16.64
CA GLU A 15 -19.55 0.80 16.83
C GLU A 15 -20.02 -0.45 16.06
N ALA A 16 -21.33 -0.72 16.03
CA ALA A 16 -21.83 -1.91 15.31
C ALA A 16 -21.45 -1.80 13.83
N THR A 17 -21.55 -0.59 13.27
CA THR A 17 -21.22 -0.37 11.83
C THR A 17 -19.71 -0.60 11.64
N ALA A 18 -18.90 -0.16 12.62
CA ALA A 18 -17.44 -0.34 12.54
C ALA A 18 -17.11 -1.84 12.56
N LYS A 19 -17.74 -2.61 13.45
CA LYS A 19 -17.47 -4.08 13.53
C LYS A 19 -17.89 -4.75 12.21
N LYS A 20 -18.99 -4.28 11.61
CA LYS A 20 -19.48 -4.81 10.31
C LYS A 20 -18.43 -4.54 9.23
N VAL A 21 -17.91 -3.30 9.17
CA VAL A 21 -16.86 -2.93 8.17
C VAL A 21 -15.64 -3.85 8.36
N LYS A 22 -15.21 -4.02 9.61
CA LYS A 22 -14.04 -4.89 9.95
C LYS A 22 -14.27 -6.31 9.42
N GLU A 23 -15.48 -6.84 9.60
CA GLU A 23 -15.76 -8.23 9.16
C GLU A 23 -15.80 -8.31 7.62
N GLU A 24 -16.36 -7.28 6.97
N GLU A 24 -16.35 -7.28 6.97
CA GLU A 24 -16.46 -7.26 5.48
CA GLU A 24 -16.46 -7.28 5.49
C GLU A 24 -15.07 -7.20 4.85
C GLU A 24 -15.06 -7.21 4.85
N LEU A 25 -14.07 -6.66 5.55
CA LEU A 25 -12.68 -6.61 5.01
C LEU A 25 -12.14 -8.03 4.81
N GLY A 26 -12.71 -9.01 5.51
CA GLY A 26 -12.29 -10.42 5.36
C GLY A 26 -13.26 -11.22 4.52
N GLN A 27 -14.21 -10.55 3.86
CA GLN A 27 -15.23 -11.24 3.02
C GLN A 27 -15.03 -10.94 1.53
N GLY A 28 -13.86 -10.42 1.13
CA GLY A 28 -13.57 -10.22 -0.30
C GLY A 28 -13.54 -8.77 -0.75
N LYS A 29 -13.94 -7.82 0.11
CA LYS A 29 -13.93 -6.38 -0.25
C LYS A 29 -12.61 -5.74 0.18
N SER A 30 -12.10 -4.80 -0.63
CA SER A 30 -10.83 -4.10 -0.34
C SER A 30 -11.09 -2.93 0.63
N PHE A 31 -10.05 -2.51 1.32
CA PHE A 31 -10.15 -1.36 2.24
C PHE A 31 -10.58 -0.12 1.44
N GLU A 32 -9.98 0.06 0.26
CA GLU A 32 -10.26 1.24 -0.60
C GLU A 32 -11.75 1.24 -1.00
N GLU A 33 -12.29 0.08 -1.37
CA GLU A 33 -13.72 -0.03 -1.77
C GLU A 33 -14.63 0.27 -0.56
N LEU A 34 -14.30 -0.28 0.60
CA LEU A 34 -15.16 -0.08 1.81
C LEU A 34 -15.07 1.37 2.29
N ALA A 35 -13.92 2.03 2.10
CA ALA A 35 -13.82 3.45 2.49
C ALA A 35 -14.82 4.28 1.67
N LYS A 36 -14.87 4.03 0.36
CA LYS A 36 -15.78 4.78 -0.56
CA LYS A 36 -15.78 4.78 -0.56
C LYS A 36 -17.23 4.51 -0.14
N GLN A 37 -17.55 3.25 0.20
CA GLN A 37 -18.94 2.84 0.56
C GLN A 37 -19.41 3.31 1.95
N TYR A 38 -18.53 3.30 2.96
CA TYR A 38 -18.98 3.55 4.36
C TYR A 38 -18.40 4.82 5.00
N SER A 39 -17.22 5.30 4.56
CA SER A 39 -16.55 6.39 5.33
C SER A 39 -17.34 7.71 5.29
N GLU A 40 -17.42 8.37 6.46
CA GLU A 40 -18.06 9.68 6.63
C GLU A 40 -17.00 10.79 6.54
N ASP A 41 -15.72 10.42 6.38
CA ASP A 41 -14.64 11.43 6.29
C ASP A 41 -14.51 11.90 4.84
N THR A 42 -15.07 13.07 4.52
CA THR A 42 -15.07 13.62 3.14
C THR A 42 -13.64 13.75 2.60
N GLY A 43 -12.70 14.14 3.45
CA GLY A 43 -11.31 14.40 3.02
C GLY A 43 -10.52 13.16 2.63
N SER A 44 -11.01 11.95 2.94
CA SER A 44 -10.21 10.73 2.62
C SER A 44 -11.06 9.63 1.95
N LYS A 45 -12.39 9.75 1.94
CA LYS A 45 -13.23 8.65 1.37
C LYS A 45 -13.01 8.52 -0.14
N GLU A 46 -12.51 9.56 -0.81
CA GLU A 46 -12.26 9.60 -2.28
C GLU A 46 -10.81 9.17 -2.57
N LYS A 47 -10.05 8.82 -1.51
CA LYS A 47 -8.62 8.44 -1.61
C LYS A 47 -8.39 7.06 -0.97
N GLY A 48 -9.41 6.20 -0.95
CA GLY A 48 -9.26 4.87 -0.33
C GLY A 48 -9.07 4.98 1.18
N GLY A 49 -9.43 6.13 1.77
CA GLY A 49 -9.30 6.36 3.23
C GLY A 49 -7.90 6.83 3.64
N ASP A 50 -7.02 7.07 2.68
CA ASP A 50 -5.62 7.48 3.01
C ASP A 50 -5.60 8.84 3.70
N LEU A 51 -4.85 8.94 4.80
CA LEU A 51 -4.67 10.21 5.58
C LEU A 51 -3.27 10.75 5.34
N GLY A 52 -2.43 10.00 4.63
CA GLY A 52 -1.03 10.42 4.40
C GLY A 52 -0.16 10.16 5.59
N PHE A 53 1.08 10.66 5.55
CA PHE A 53 2.05 10.51 6.66
C PHE A 53 1.75 11.52 7.76
N PHE A 54 1.87 11.06 9.00
CA PHE A 54 1.68 11.97 10.16
C PHE A 54 2.51 11.48 11.33
N GLY A 55 2.82 12.40 12.24
CA GLY A 55 3.54 12.09 13.49
C GLY A 55 2.72 12.47 14.70
N ALA A 56 3.39 12.60 15.85
CA ALA A 56 2.70 12.94 17.11
C ALA A 56 2.04 14.32 17.00
N GLY A 57 0.82 14.43 17.54
CA GLY A 57 0.09 15.71 17.63
C GLY A 57 -0.58 16.15 16.34
N LYS A 58 -0.59 15.30 15.31
CA LYS A 58 -1.22 15.68 14.01
C LYS A 58 -2.68 15.22 13.98
N VAL A 60 -6.19 13.54 16.28
CA VAL A 60 -6.77 13.54 17.62
C VAL A 60 -6.16 12.38 18.42
N LYS A 61 -6.01 12.57 19.73
CA LYS A 61 -5.32 11.61 20.63
C LYS A 61 -5.86 10.18 20.49
N GLU A 62 -7.18 10.00 20.52
CA GLU A 62 -7.76 8.63 20.46
C GLU A 62 -7.28 7.92 19.19
N PHE A 63 -7.20 8.66 18.08
CA PHE A 63 -6.77 8.07 16.78
C PHE A 63 -5.26 7.79 16.83
N GLU A 64 -4.49 8.78 17.29
CA GLU A 64 -3.02 8.63 17.37
C GLU A 64 -2.66 7.42 18.24
N ASP A 65 -3.24 7.33 19.44
CA ASP A 65 -2.92 6.23 20.38
C ASP A 65 -3.16 4.87 19.71
N ALA A 66 -4.32 4.71 19.07
CA ALA A 66 -4.67 3.42 18.43
C ALA A 66 -3.73 3.13 17.26
N ALA A 67 -3.43 4.15 16.46
CA ALA A 67 -2.62 3.93 15.25
C ALA A 67 -1.20 3.48 15.62
N TYR A 68 -0.63 4.06 16.68
CA TYR A 68 0.78 3.73 17.04
C TYR A 68 0.89 2.36 17.74
N LYS A 69 -0.25 1.73 18.05
CA LYS A 69 -0.24 0.37 18.66
C LYS A 69 -0.36 -0.69 17.55
N LEU A 70 -0.72 -0.28 16.32
CA LEU A 70 -0.92 -1.25 15.22
C LEU A 70 0.41 -1.65 14.57
N LYS A 71 0.48 -2.90 14.11
CA LYS A 71 1.63 -3.38 13.32
C LYS A 71 1.37 -2.97 11.86
N LYS A 72 2.39 -3.02 11.00
CA LYS A 72 2.19 -2.63 9.59
C LYS A 72 1.09 -3.51 8.95
N ASP A 73 0.12 -2.85 8.29
CA ASP A 73 -1.01 -3.48 7.56
C ASP A 73 -2.07 -4.02 8.52
N GLU A 74 -1.83 -3.94 9.84
CA GLU A 74 -2.85 -4.41 10.81
C GLU A 74 -4.06 -3.47 10.77
N VAL A 75 -5.26 -4.06 10.85
CA VAL A 75 -6.53 -3.27 10.88
C VAL A 75 -7.04 -3.27 12.32
N SER A 76 -7.36 -2.09 12.83
CA SER A 76 -7.81 -1.92 14.23
C SER A 76 -9.23 -2.44 14.42
N GLU A 77 -9.58 -2.67 15.69
CA GLU A 77 -10.98 -2.88 16.09
C GLU A 77 -11.57 -1.47 16.09
N PRO A 78 -12.89 -1.29 16.28
CA PRO A 78 -13.46 0.06 16.31
C PRO A 78 -12.77 0.95 17.35
N VAL A 79 -12.39 2.16 16.94
CA VAL A 79 -11.72 3.16 17.81
C VAL A 79 -12.65 4.38 17.92
N LYS A 80 -13.12 4.70 19.12
CA LYS A 80 -14.03 5.85 19.30
C LYS A 80 -13.21 7.14 19.41
N SER A 81 -13.66 8.18 18.71
CA SER A 81 -13.10 9.55 18.84
C SER A 81 -14.28 10.52 18.85
N GLN A 82 -14.01 11.81 18.90
CA GLN A 82 -15.08 12.84 18.90
C GLN A 82 -15.76 12.87 17.52
N PHE A 83 -15.16 12.23 16.51
CA PHE A 83 -15.69 12.26 15.13
C PHE A 83 -16.58 11.04 14.86
N GLY A 84 -16.52 10.03 15.73
CA GLY A 84 -17.31 8.78 15.57
C GLY A 84 -16.47 7.55 15.83
N TYR A 85 -16.64 6.50 15.03
CA TYR A 85 -15.88 5.24 15.20
C TYR A 85 -15.00 5.02 13.97
N HIS A 86 -13.73 4.72 14.23
CA HIS A 86 -12.74 4.53 13.15
C HIS A 86 -12.28 3.08 13.01
N ILE A 87 -12.17 2.63 11.77
CA ILE A 87 -11.42 1.39 11.45
C ILE A 87 -10.12 1.91 10.83
N ILE A 88 -8.99 1.65 11.50
CA ILE A 88 -7.68 2.21 11.10
C ILE A 88 -6.77 1.12 10.53
N LYS A 89 -6.06 1.46 9.45
CA LYS A 89 -5.05 0.54 8.88
C LYS A 89 -3.76 1.33 8.71
N VAL A 90 -2.69 0.89 9.40
CA VAL A 90 -1.37 1.54 9.23
C VAL A 90 -0.71 0.88 8.01
N THR A 91 -0.39 1.68 6.99
CA THR A 91 0.11 1.13 5.70
C THR A 91 1.63 1.29 5.59
N ASP A 92 2.25 2.12 6.44
CA ASP A 92 3.72 2.28 6.36
C ASP A 92 4.26 2.73 7.72
N ILE A 93 5.42 2.20 8.10
CA ILE A 93 6.08 2.56 9.39
C ILE A 93 7.57 2.84 9.13
N GLU A 94 8.09 3.92 9.72
CA GLU A 94 9.54 4.30 9.60
C GLU A 94 10.41 3.05 9.78
N LYS B 2 12.33 15.41 -4.69
CA LYS B 2 11.11 14.81 -5.21
C LYS B 2 10.28 14.24 -4.07
N PRO B 3 8.93 14.20 -4.19
CA PRO B 3 8.09 13.58 -3.17
C PRO B 3 8.38 12.08 -3.21
N GLU B 4 8.21 11.38 -2.09
CA GLU B 4 8.54 9.94 -2.07
C GLU B 4 7.42 9.13 -2.73
N ILE B 5 7.80 8.00 -3.32
CA ILE B 5 6.83 7.03 -3.90
C ILE B 5 7.13 5.66 -3.29
N LYS B 6 6.12 4.79 -3.28
CA LYS B 6 6.31 3.41 -2.77
C LYS B 6 6.17 2.47 -3.97
N ALA B 7 7.10 1.55 -4.11
CA ALA B 7 7.05 0.64 -5.26
C ALA B 7 7.40 -0.78 -4.83
N SER B 8 6.87 -1.74 -5.58
CA SER B 8 7.25 -3.15 -5.47
C SER B 8 7.99 -3.49 -6.77
N HIS B 9 8.86 -4.50 -6.73
CA HIS B 9 9.46 -4.93 -8.01
C HIS B 9 9.66 -6.43 -8.01
N ILE B 10 9.81 -6.96 -9.22
CA ILE B 10 10.17 -8.37 -9.48
C ILE B 10 11.47 -8.26 -10.28
N LEU B 11 12.57 -8.77 -9.72
CA LEU B 11 13.88 -8.69 -10.39
C LEU B 11 14.17 -10.05 -11.03
N VAL B 12 14.42 -10.07 -12.35
CA VAL B 12 14.71 -11.34 -13.07
C VAL B 12 16.01 -11.19 -13.87
N LYS B 13 16.61 -12.32 -14.26
CA LYS B 13 17.95 -12.32 -14.91
C LYS B 13 17.89 -11.96 -16.41
N ASP B 14 16.82 -12.35 -17.12
CA ASP B 14 16.79 -12.14 -18.59
C ASP B 14 15.45 -11.59 -19.07
N GLU B 15 15.42 -11.06 -20.30
CA GLU B 15 14.18 -10.53 -20.92
C GLU B 15 13.13 -11.64 -21.01
N ALA B 16 13.54 -12.86 -21.36
CA ALA B 16 12.61 -14.01 -21.48
C ALA B 16 11.81 -14.18 -20.19
N THR B 17 12.48 -14.21 -19.05
CA THR B 17 11.77 -14.42 -17.75
C THR B 17 10.90 -13.18 -17.48
N ALA B 18 11.41 -11.99 -17.80
CA ALA B 18 10.61 -10.76 -17.60
C ALA B 18 9.34 -10.85 -18.46
N LYS B 19 9.47 -11.37 -19.68
CA LYS B 19 8.31 -11.53 -20.59
C LYS B 19 7.32 -12.52 -19.96
N LYS B 20 7.82 -13.60 -19.36
CA LYS B 20 6.94 -14.62 -18.74
C LYS B 20 6.19 -14.00 -17.55
N VAL B 21 6.88 -13.19 -16.75
CA VAL B 21 6.23 -12.51 -15.60
C VAL B 21 5.12 -11.58 -16.13
N LYS B 22 5.43 -10.78 -17.16
CA LYS B 22 4.43 -9.86 -17.77
C LYS B 22 3.24 -10.67 -18.33
N GLU B 23 3.51 -11.81 -18.96
CA GLU B 23 2.46 -12.70 -19.52
C GLU B 23 1.53 -13.15 -18.38
N GLU B 24 2.13 -13.56 -17.26
CA GLU B 24 1.33 -14.10 -16.12
C GLU B 24 0.55 -12.96 -15.45
N LEU B 25 1.11 -11.74 -15.42
CA LEU B 25 0.31 -10.59 -14.91
C LEU B 25 -0.92 -10.43 -15.82
N GLY B 26 -0.73 -10.59 -17.13
CA GLY B 26 -1.85 -10.45 -18.09
C GLY B 26 -2.86 -11.56 -17.95
N GLN B 27 -2.46 -12.69 -17.37
CA GLN B 27 -3.36 -13.85 -17.14
C GLN B 27 -4.12 -13.68 -15.82
N GLY B 28 -3.84 -12.60 -15.08
CA GLY B 28 -4.54 -12.30 -13.81
C GLY B 28 -3.81 -12.71 -12.54
N LYS B 29 -2.57 -13.24 -12.65
CA LYS B 29 -1.78 -13.61 -11.43
C LYS B 29 -1.42 -12.31 -10.69
N SER B 30 -1.47 -12.33 -9.35
CA SER B 30 -1.17 -11.08 -8.61
C SER B 30 0.33 -10.77 -8.66
N PHE B 31 0.65 -9.49 -8.56
CA PHE B 31 2.06 -9.05 -8.57
C PHE B 31 2.80 -9.69 -7.40
N GLU B 32 2.14 -9.72 -6.24
CA GLU B 32 2.75 -10.27 -4.99
C GLU B 32 3.05 -11.76 -5.17
N GLU B 33 2.13 -12.54 -5.75
CA GLU B 33 2.42 -13.99 -5.98
C GLU B 33 3.61 -14.13 -6.93
N LEU B 34 3.68 -13.30 -7.97
CA LEU B 34 4.76 -13.43 -8.97
C LEU B 34 6.11 -13.01 -8.38
N ALA B 35 6.10 -12.08 -7.42
CA ALA B 35 7.37 -11.68 -6.78
C ALA B 35 7.94 -12.88 -6.03
N LYS B 36 7.09 -13.59 -5.29
CA LYS B 36 7.58 -14.76 -4.52
C LYS B 36 8.04 -15.86 -5.48
N GLN B 37 7.31 -16.05 -6.57
CA GLN B 37 7.60 -17.17 -7.53
C GLN B 37 8.84 -16.87 -8.39
N TYR B 38 9.12 -15.60 -8.72
CA TYR B 38 10.18 -15.30 -9.71
C TYR B 38 11.27 -14.33 -9.26
N SER B 39 11.01 -13.49 -8.26
CA SER B 39 12.03 -12.43 -7.97
C SER B 39 13.34 -13.00 -7.44
N GLU B 40 14.44 -12.44 -7.95
CA GLU B 40 15.84 -12.74 -7.55
C GLU B 40 16.22 -11.83 -6.36
N ASP B 41 15.39 -10.83 -6.04
CA ASP B 41 15.68 -9.91 -4.90
C ASP B 41 15.25 -10.58 -3.59
N THR B 42 16.19 -11.28 -2.95
CA THR B 42 15.90 -12.04 -1.70
C THR B 42 15.29 -11.13 -0.63
N GLY B 43 15.70 -9.87 -0.59
CA GLY B 43 15.26 -8.93 0.46
C GLY B 43 13.79 -8.54 0.38
N SER B 44 13.17 -8.67 -0.79
CA SER B 44 11.76 -8.21 -0.93
C SER B 44 10.83 -9.31 -1.50
N LYS B 45 11.38 -10.43 -1.97
CA LYS B 45 10.52 -11.47 -2.63
C LYS B 45 9.44 -12.01 -1.68
N GLU B 46 9.71 -12.11 -0.37
CA GLU B 46 8.70 -12.65 0.60
C GLU B 46 7.69 -11.56 0.99
N LYS B 47 7.99 -10.30 0.67
CA LYS B 47 7.12 -9.13 1.00
C LYS B 47 6.31 -8.70 -0.22
N GLY B 48 6.10 -9.59 -1.19
CA GLY B 48 5.35 -9.21 -2.39
C GLY B 48 6.14 -8.27 -3.28
N GLY B 49 7.46 -8.19 -3.06
CA GLY B 49 8.35 -7.34 -3.85
C GLY B 49 8.40 -5.91 -3.33
N ASP B 50 7.76 -5.63 -2.19
CA ASP B 50 7.68 -4.26 -1.63
C ASP B 50 9.07 -3.72 -1.25
N LEU B 51 9.40 -2.52 -1.74
CA LEU B 51 10.68 -1.84 -1.45
C LEU B 51 10.41 -0.69 -0.47
N GLY B 52 9.14 -0.41 -0.19
CA GLY B 52 8.77 0.71 0.71
C GLY B 52 8.90 2.05 0.01
N PHE B 53 8.78 3.13 0.77
CA PHE B 53 8.88 4.50 0.21
C PHE B 53 10.34 4.89 -0.03
N PHE B 54 10.55 5.66 -1.08
CA PHE B 54 11.90 6.20 -1.41
C PHE B 54 11.76 7.50 -2.19
N GLY B 55 12.80 8.34 -2.12
CA GLY B 55 12.84 9.60 -2.87
C GLY B 55 13.97 9.61 -3.88
N ALA B 56 14.36 10.81 -4.31
CA ALA B 56 15.41 10.97 -5.34
C ALA B 56 16.76 10.48 -4.82
N GLY B 57 17.49 9.74 -5.66
CA GLY B 57 18.86 9.29 -5.36
C GLY B 57 18.96 8.13 -4.39
N LYS B 58 17.84 7.41 -4.13
CA LYS B 58 17.80 6.24 -3.22
C LYS B 58 17.94 4.95 -4.02
N VAL B 60 18.85 3.00 -7.95
CA VAL B 60 19.65 3.15 -9.15
C VAL B 60 18.83 3.96 -10.18
N LYS B 61 19.49 4.83 -10.93
CA LYS B 61 18.83 5.79 -11.86
C LYS B 61 17.81 5.12 -12.79
N GLU B 62 18.16 4.01 -13.45
CA GLU B 62 17.20 3.38 -14.40
C GLU B 62 15.89 3.04 -13.67
N PHE B 63 16.01 2.60 -12.42
CA PHE B 63 14.81 2.22 -11.63
C PHE B 63 14.01 3.47 -11.26
N GLU B 64 14.71 4.50 -10.74
CA GLU B 64 14.07 5.76 -10.32
C GLU B 64 13.30 6.38 -11.50
N ASP B 65 13.97 6.49 -12.65
CA ASP B 65 13.35 7.12 -13.85
C ASP B 65 12.06 6.37 -14.24
N ALA B 66 12.11 5.04 -14.27
CA ALA B 66 10.91 4.26 -14.66
C ALA B 66 9.80 4.40 -13.61
N ALA B 67 10.17 4.34 -12.34
CA ALA B 67 9.17 4.35 -11.24
C ALA B 67 8.42 5.68 -11.19
N TYR B 68 9.12 6.80 -11.42
CA TYR B 68 8.47 8.13 -11.29
C TYR B 68 7.53 8.40 -12.48
N LYS B 69 7.56 7.57 -13.53
CA LYS B 69 6.65 7.75 -14.69
C LYS B 69 5.35 6.97 -14.49
N LEU B 70 5.30 6.08 -13.48
CA LEU B 70 4.11 5.21 -13.27
C LEU B 70 3.02 5.89 -12.43
N LYS B 71 1.77 5.59 -12.77
CA LYS B 71 0.61 6.04 -11.96
C LYS B 71 0.44 5.02 -10.82
N LYS B 72 -0.36 5.34 -9.82
CA LYS B 72 -0.60 4.37 -8.72
C LYS B 72 -1.20 3.07 -9.28
N ASP B 73 -0.65 1.92 -8.87
CA ASP B 73 -1.07 0.55 -9.26
C ASP B 73 -0.66 0.22 -10.70
N GLU B 74 0.07 1.10 -11.38
CA GLU B 74 0.53 0.77 -12.75
C GLU B 74 1.80 -0.10 -12.68
N VAL B 75 1.94 -1.01 -13.65
CA VAL B 75 3.11 -1.92 -13.74
C VAL B 75 3.92 -1.56 -15.00
N SER B 76 5.23 -1.43 -14.84
CA SER B 76 6.16 -1.02 -15.92
C SER B 76 6.44 -2.15 -16.92
N GLU B 77 7.02 -1.76 -18.05
CA GLU B 77 7.62 -2.76 -18.97
C GLU B 77 8.94 -3.14 -18.31
N PRO B 78 9.61 -4.23 -18.72
CA PRO B 78 10.89 -4.60 -18.09
C PRO B 78 11.90 -3.46 -18.21
N VAL B 79 12.51 -3.10 -17.07
CA VAL B 79 13.52 -2.00 -16.99
C VAL B 79 14.89 -2.62 -16.71
N LYS B 80 15.85 -2.39 -17.61
CA LYS B 80 17.20 -2.97 -17.45
C LYS B 80 18.05 -2.11 -16.52
N SER B 81 18.70 -2.76 -15.55
CA SER B 81 19.70 -2.11 -14.64
C SER B 81 20.91 -3.03 -14.55
N GLN B 82 21.89 -2.67 -13.72
CA GLN B 82 23.10 -3.50 -13.53
C GLN B 82 22.73 -4.80 -12.80
N PHE B 83 21.54 -4.86 -12.19
CA PHE B 83 21.10 -6.02 -11.38
C PHE B 83 20.26 -7.00 -12.20
N GLY B 84 19.85 -6.58 -13.40
CA GLY B 84 19.02 -7.42 -14.29
C GLY B 84 17.86 -6.63 -14.85
N TYR B 85 16.69 -7.28 -14.90
CA TYR B 85 15.47 -6.65 -15.42
C TYR B 85 14.45 -6.51 -14.29
N HIS B 86 13.94 -5.30 -14.14
CA HIS B 86 12.94 -5.03 -13.09
C HIS B 86 11.55 -4.85 -13.69
N ILE B 87 10.57 -5.53 -13.11
CA ILE B 87 9.14 -5.24 -13.40
C ILE B 87 8.70 -4.44 -12.17
N ILE B 88 8.32 -3.18 -12.37
CA ILE B 88 8.04 -2.25 -11.24
C ILE B 88 6.54 -1.94 -11.14
N LYS B 89 6.03 -1.93 -9.91
CA LYS B 89 4.62 -1.53 -9.67
C LYS B 89 4.63 -0.43 -8.62
N VAL B 90 4.13 0.76 -8.95
CA VAL B 90 4.05 1.83 -7.93
C VAL B 90 2.75 1.58 -7.15
N THR B 91 2.86 1.49 -5.82
CA THR B 91 1.71 1.11 -4.96
C THR B 91 1.20 2.33 -4.18
N ASP B 92 2.00 3.39 -4.06
CA ASP B 92 1.52 4.60 -3.34
C ASP B 92 2.38 5.78 -3.77
N ILE B 93 1.79 6.99 -3.76
CA ILE B 93 2.50 8.24 -4.16
C ILE B 93 2.19 9.31 -3.11
N GLU B 94 3.23 9.87 -2.49
CA GLU B 94 3.07 10.93 -1.46
C GLU B 94 2.42 12.17 -2.11
#